data_8JAA
#
_entry.id   8JAA
#
_cell.length_a   58.075
_cell.length_b   65.808
_cell.length_c   143.773
_cell.angle_alpha   90.000
_cell.angle_beta   90.000
_cell.angle_gamma   90.000
#
_symmetry.space_group_name_H-M   'P 21 21 21'
#
loop_
_entity.id
_entity.type
_entity.pdbx_description
1 polymer 'Trehalose-binding lipoprotein LpqY'
2 non-polymer 'SULFATE ION'
3 non-polymer (2~{S},3~{R},4~{S},5~{S},6~{S})-6-[(2-azanylhydrazinyl)methyl]oxane-2,3,4,5-tetrol
4 water water
#
_entity_poly.entity_id   1
_entity_poly.type   'polypeptide(L)'
_entity_poly.pdbx_seq_one_letter_code
;VVMSRGRIPRLGAAVLVALTTAAAACGADSQGLVVSFYTPATDGATFTAIAQRCNQQFGGRFTIAQVSLPRSPNEQRLQL
ARRLTGNDRTLDVMALDVVWTAEFAEAGWALPLSDDPAGLAENDAVADTLPGPLATAGWNHKLYAAPVTTNTQLLWYRPD
LVNSPPTDWNAMIAEAARLHAAGEPSWIAVQANQGEGLVVWFNTLLVSAGGSVLSEDGRHVTLTDTPAHRAATVSALQIL
KSVATTPGADPSITRTEEGSARLAFEQGKAALEVNWPFVFASMLENAVKGGVPFLPLNRIPQLAGSINDIGTFTPSDEQF
RIAYDASQQVFGFAPYPAVAPGQPAKVTIGGLNLAVAKTTRHRAEAFEAVRCLRDQHNQRYVSLEGGLPAVRASLYSDPQ
FQAKYPMHAIIRQQLTDAAVRPATPVYQALSIRLAAVLSPITEIDPESTADELAAQAQKAIDGMGLLP
;
_entity_poly.pdbx_strand_id   A
#
# COMPACT_ATOMS: atom_id res chain seq x y z
N GLY A 32 1.59 34.02 4.77
CA GLY A 32 1.23 34.26 3.39
C GLY A 32 0.11 33.35 2.89
N LEU A 33 0.20 32.92 1.63
CA LEU A 33 -0.85 32.09 1.06
C LEU A 33 -0.79 30.68 1.66
N VAL A 34 -1.89 29.95 1.51
CA VAL A 34 -2.03 28.59 2.06
C VAL A 34 -2.09 27.61 0.88
N VAL A 35 -1.24 26.59 0.94
CA VAL A 35 -1.23 25.51 -0.03
C VAL A 35 -1.92 24.35 0.67
N SER A 36 -3.15 24.03 0.28
CA SER A 36 -3.82 22.90 0.91
C SER A 36 -3.18 21.60 0.40
N PHE A 37 -3.19 20.57 1.27
CA PHE A 37 -2.48 19.30 0.96
C PHE A 37 -3.43 18.21 1.44
N TYR A 38 -4.16 17.61 0.51
CA TYR A 38 -5.15 16.58 0.87
C TYR A 38 -4.50 15.19 0.91
N THR A 39 -4.68 14.46 2.00
CA THR A 39 -4.07 13.13 2.15
C THR A 39 -5.11 12.20 2.76
N PRO A 40 -4.90 10.88 2.65
CA PRO A 40 -5.76 9.94 3.39
C PRO A 40 -5.72 10.26 4.89
N ALA A 41 -6.88 10.10 5.55
CA ALA A 41 -6.93 10.40 6.99
C ALA A 41 -5.94 9.55 7.79
N THR A 42 -5.74 8.28 7.42
CA THR A 42 -4.88 7.46 8.26
C THR A 42 -3.44 7.92 8.20
N ASP A 43 -3.09 8.72 7.19
CA ASP A 43 -1.75 9.25 7.06
C ASP A 43 -1.67 10.72 7.46
N GLY A 44 -2.77 11.27 7.99
CA GLY A 44 -2.83 12.71 8.21
C GLY A 44 -1.85 13.20 9.26
N ALA A 45 -1.72 12.45 10.37
CA ALA A 45 -0.77 12.88 11.40
C ALA A 45 0.66 12.91 10.86
N THR A 46 1.01 11.89 10.06
CA THR A 46 2.37 11.87 9.50
C THR A 46 2.55 13.03 8.54
N PHE A 47 1.56 13.26 7.67
CA PHE A 47 1.79 14.31 6.69
C PHE A 47 1.63 15.68 7.33
N THR A 48 0.95 15.74 8.49
CA THR A 48 0.92 17.01 9.21
C THR A 48 2.29 17.34 9.73
N ALA A 49 2.98 16.33 10.26
CA ALA A 49 4.30 16.57 10.79
C ALA A 49 5.26 17.00 9.70
N ILE A 50 5.23 16.30 8.53
CA ILE A 50 6.07 16.71 7.41
C ILE A 50 5.75 18.14 6.99
N ALA A 51 4.46 18.49 6.92
CA ALA A 51 4.10 19.83 6.45
C ALA A 51 4.63 20.87 7.40
N GLN A 52 4.56 20.56 8.71
CA GLN A 52 5.02 21.52 9.72
C GLN A 52 6.51 21.76 9.56
N ARG A 53 7.28 20.71 9.27
CA ARG A 53 8.69 20.93 8.99
C ARG A 53 8.89 21.78 7.76
N CYS A 54 8.14 21.45 6.70
CA CYS A 54 8.22 22.18 5.40
C CYS A 54 7.75 23.64 5.56
N ASN A 55 7.06 23.97 6.66
CA ASN A 55 6.56 25.33 6.87
C ASN A 55 7.63 26.20 7.50
N GLN A 56 8.57 25.62 8.23
CA GLN A 56 9.68 26.43 8.74
C GLN A 56 10.64 26.88 7.65
N GLN A 57 10.64 26.27 6.48
CA GLN A 57 11.68 26.51 5.50
C GLN A 57 11.22 27.43 4.39
N PHE A 58 10.02 27.98 4.49
CA PHE A 58 9.51 28.80 3.41
C PHE A 58 9.64 30.30 3.71
N GLY A 59 10.16 30.66 4.88
CA GLY A 59 10.37 32.08 5.22
C GLY A 59 9.08 32.88 5.24
N GLY A 60 8.00 32.29 5.76
CA GLY A 60 6.71 32.94 5.82
C GLY A 60 6.13 33.25 4.45
N ARG A 61 6.76 32.75 3.39
CA ARG A 61 6.22 32.99 2.05
C ARG A 61 4.86 32.28 1.86
N PHE A 62 4.74 31.04 2.34
CA PHE A 62 3.46 30.36 2.25
C PHE A 62 3.49 29.24 3.27
N THR A 63 2.31 28.64 3.53
CA THR A 63 2.14 27.63 4.56
C THR A 63 1.42 26.45 3.90
N ILE A 64 1.88 25.22 4.18
CA ILE A 64 1.14 24.04 3.73
C ILE A 64 0.16 23.64 4.84
N ALA A 65 -1.08 23.37 4.46
CA ALA A 65 -2.12 22.96 5.41
C ALA A 65 -2.64 21.59 5.00
N GLN A 66 -2.32 20.60 5.81
CA GLN A 66 -2.80 19.24 5.56
C GLN A 66 -4.30 19.16 5.87
N VAL A 67 -5.03 18.43 5.01
CA VAL A 67 -6.46 18.18 5.13
C VAL A 67 -6.69 16.69 4.86
N SER A 68 -7.47 16.04 5.74
CA SER A 68 -7.68 14.61 5.60
C SER A 68 -8.83 14.25 4.68
N LEU A 69 -8.63 13.17 3.92
CA LEU A 69 -9.59 12.48 3.05
C LEU A 69 -10.06 11.19 3.71
N PRO A 70 -11.12 10.57 3.18
CA PRO A 70 -11.59 9.28 3.75
C PRO A 70 -10.58 8.13 3.67
N ARG A 71 -10.98 7.00 4.24
CA ARG A 71 -10.11 5.80 4.36
C ARG A 71 -9.95 5.01 3.04
N SER A 72 -11.01 4.82 2.23
CA SER A 72 -10.82 3.90 1.11
C SER A 72 -10.25 4.64 -0.11
N PRO A 73 -9.47 3.99 -0.98
CA PRO A 73 -9.05 4.68 -2.21
C PRO A 73 -10.22 5.28 -3.00
N ASN A 74 -11.38 4.61 -3.03
CA ASN A 74 -12.49 5.10 -3.82
C ASN A 74 -13.06 6.39 -3.24
N GLU A 75 -13.18 6.44 -1.94
CA GLU A 75 -13.75 7.63 -1.33
C GLU A 75 -12.76 8.78 -1.31
N GLN A 76 -11.44 8.50 -1.19
CA GLN A 76 -10.41 9.54 -1.45
C GLN A 76 -10.64 10.16 -2.82
N ARG A 77 -10.74 9.31 -3.85
CA ARG A 77 -10.93 9.76 -5.23
C ARG A 77 -12.20 10.60 -5.36
N LEU A 78 -13.29 10.13 -4.78
CA LEU A 78 -14.58 10.79 -4.98
C LEU A 78 -14.58 12.22 -4.40
N GLN A 79 -14.02 12.39 -3.20
CA GLN A 79 -13.92 13.75 -2.62
C GLN A 79 -13.13 14.66 -3.55
N LEU A 80 -11.97 14.16 -4.01
CA LEU A 80 -11.14 15.02 -4.86
C LEU A 80 -11.86 15.33 -6.16
N ALA A 81 -12.46 14.31 -6.79
CA ALA A 81 -13.10 14.51 -8.08
C ALA A 81 -14.21 15.54 -7.97
N ARG A 82 -14.97 15.50 -6.87
CA ARG A 82 -16.03 16.49 -6.66
C ARG A 82 -15.48 17.91 -6.56
N ARG A 83 -14.35 18.07 -5.86
CA ARG A 83 -13.76 19.43 -5.69
C ARG A 83 -13.20 19.89 -7.04
N LEU A 84 -12.63 18.96 -7.80
CA LEU A 84 -12.05 19.27 -9.11
C LEU A 84 -13.13 19.68 -10.11
N THR A 85 -14.20 18.90 -10.23
CA THR A 85 -15.24 19.24 -11.18
C THR A 85 -16.07 20.43 -10.68
N GLY A 86 -16.09 20.68 -9.39
CA GLY A 86 -16.77 21.86 -8.89
C GLY A 86 -15.91 23.10 -8.89
N ASN A 87 -14.68 23.00 -9.39
CA ASN A 87 -13.69 24.10 -9.44
C ASN A 87 -13.47 24.77 -8.08
N ASP A 88 -13.23 23.96 -7.05
CA ASP A 88 -12.80 24.43 -5.73
C ASP A 88 -11.40 25.06 -5.84
N ARG A 89 -11.34 26.40 -5.85
CA ARG A 89 -10.06 27.05 -6.06
C ARG A 89 -9.19 27.08 -4.81
N THR A 90 -9.63 26.48 -3.71
CA THR A 90 -8.77 26.31 -2.56
C THR A 90 -8.05 24.98 -2.55
N LEU A 91 -8.26 24.12 -3.56
CA LEU A 91 -7.61 22.80 -3.65
C LEU A 91 -6.27 22.95 -4.39
N ASP A 92 -5.16 22.59 -3.71
CA ASP A 92 -3.81 22.80 -4.29
C ASP A 92 -3.06 21.50 -4.53
N VAL A 93 -2.65 20.76 -3.50
CA VAL A 93 -1.86 19.53 -3.64
C VAL A 93 -2.66 18.34 -3.14
N MET A 94 -2.54 17.22 -3.86
CA MET A 94 -3.28 15.97 -3.51
C MET A 94 -2.31 14.78 -3.43
N ALA A 95 -2.43 13.98 -2.38
CA ALA A 95 -1.69 12.70 -2.33
C ALA A 95 -2.61 11.65 -2.96
N LEU A 96 -2.29 11.21 -4.18
CA LEU A 96 -3.12 10.30 -4.96
C LEU A 96 -2.65 8.87 -4.83
N ASP A 97 -3.58 7.97 -4.58
CA ASP A 97 -3.23 6.57 -4.76
C ASP A 97 -2.67 6.32 -6.17
N VAL A 98 -1.77 5.33 -6.28
CA VAL A 98 -1.08 5.07 -7.54
C VAL A 98 -2.09 4.69 -8.63
N VAL A 99 -3.24 4.11 -8.25
CA VAL A 99 -4.15 3.66 -9.30
C VAL A 99 -4.97 4.79 -9.94
N TRP A 100 -4.88 6.04 -9.43
CA TRP A 100 -5.68 7.17 -9.94
C TRP A 100 -4.97 8.03 -10.96
N THR A 101 -3.69 7.74 -11.26
CA THR A 101 -2.94 8.58 -12.18
C THR A 101 -3.65 8.71 -13.54
N ALA A 102 -4.02 7.57 -14.16
CA ALA A 102 -4.55 7.66 -15.50
C ALA A 102 -5.82 8.53 -15.53
N GLU A 103 -6.71 8.31 -14.57
CA GLU A 103 -7.96 9.06 -14.59
C GLU A 103 -7.68 10.54 -14.41
N PHE A 104 -6.82 10.87 -13.43
CA PHE A 104 -6.66 12.27 -13.12
C PHE A 104 -5.84 12.96 -14.21
N ALA A 105 -4.93 12.23 -14.89
CA ALA A 105 -4.15 12.86 -15.93
C ALA A 105 -5.03 13.09 -17.15
N GLU A 106 -5.85 12.08 -17.50
CA GLU A 106 -6.67 12.18 -18.70
C GLU A 106 -7.75 13.25 -18.55
N ALA A 107 -8.27 13.40 -17.34
CA ALA A 107 -9.30 14.43 -17.06
C ALA A 107 -8.74 15.84 -17.02
N GLY A 108 -7.43 16.04 -17.04
CA GLY A 108 -6.84 17.36 -16.75
C GLY A 108 -6.86 17.75 -15.28
N TRP A 109 -7.21 16.83 -14.37
CA TRP A 109 -7.30 17.17 -12.95
C TRP A 109 -5.92 17.32 -12.33
N ALA A 110 -4.99 16.43 -12.65
CA ALA A 110 -3.61 16.55 -12.18
C ALA A 110 -2.84 17.27 -13.27
N LEU A 111 -2.24 18.41 -12.94
CA LEU A 111 -1.40 19.10 -13.93
C LEU A 111 -0.16 18.26 -14.27
N PRO A 112 0.30 18.26 -15.52
CA PRO A 112 1.59 17.59 -15.80
C PRO A 112 2.70 18.32 -15.06
N LEU A 113 3.71 17.59 -14.63
CA LEU A 113 4.80 18.24 -13.92
C LEU A 113 5.49 19.31 -14.79
N SER A 114 5.39 19.18 -16.12
CA SER A 114 5.95 20.25 -16.96
C SER A 114 5.19 21.58 -16.83
N ASP A 115 4.04 21.61 -16.14
CA ASP A 115 3.36 22.88 -15.91
C ASP A 115 3.93 23.66 -14.74
N ASP A 116 4.92 23.12 -14.04
CA ASP A 116 5.58 23.89 -13.01
C ASP A 116 6.19 25.17 -13.62
N PRO A 117 5.77 26.37 -13.19
CA PRO A 117 6.41 27.58 -13.78
C PRO A 117 7.88 27.68 -13.54
N ALA A 118 8.40 27.04 -12.48
CA ALA A 118 9.84 27.04 -12.24
C ALA A 118 10.58 26.06 -13.13
N GLY A 119 9.87 25.12 -13.75
CA GLY A 119 10.49 24.10 -14.58
C GLY A 119 11.37 23.14 -13.79
N LEU A 120 11.08 22.96 -12.48
CA LEU A 120 11.95 22.14 -11.63
C LEU A 120 11.31 20.82 -11.25
N ALA A 121 9.98 20.72 -11.38
CA ALA A 121 9.26 19.55 -10.85
C ALA A 121 9.66 18.24 -11.53
N GLU A 122 9.80 18.23 -12.86
CA GLU A 122 10.10 16.96 -13.56
C GLU A 122 11.45 16.40 -13.12
N ASN A 123 12.48 17.25 -13.09
CA ASN A 123 13.79 16.79 -12.67
C ASN A 123 13.78 16.35 -11.21
N ASP A 124 13.05 17.07 -10.34
CA ASP A 124 13.02 16.71 -8.93
C ASP A 124 12.35 15.35 -8.77
N ALA A 125 11.28 15.10 -9.54
CA ALA A 125 10.51 13.88 -9.36
C ALA A 125 11.34 12.65 -9.68
N VAL A 126 12.24 12.78 -10.68
CA VAL A 126 13.00 11.59 -11.10
C VAL A 126 14.28 11.40 -10.33
N ALA A 127 14.82 12.45 -9.74
CA ALA A 127 16.15 12.36 -9.16
C ALA A 127 16.10 11.56 -7.86
N ASP A 128 17.02 10.59 -7.77
CA ASP A 128 17.13 9.71 -6.58
C ASP A 128 15.82 9.02 -6.25
N THR A 129 15.04 8.66 -7.27
CA THR A 129 13.73 8.04 -7.01
C THR A 129 13.69 6.65 -7.65
N LEU A 130 13.17 5.67 -6.91
CA LEU A 130 13.07 4.31 -7.46
C LEU A 130 12.20 4.27 -8.71
N PRO A 131 12.54 3.40 -9.67
CA PRO A 131 11.81 3.41 -10.95
C PRO A 131 10.40 2.84 -10.89
N GLY A 132 10.11 1.84 -10.03
CA GLY A 132 8.75 1.31 -9.93
C GLY A 132 7.72 2.39 -9.56
N PRO A 133 8.00 3.11 -8.47
CA PRO A 133 7.11 4.24 -8.10
C PRO A 133 6.97 5.24 -9.23
N LEU A 134 8.07 5.59 -9.94
CA LEU A 134 7.92 6.58 -11.00
C LEU A 134 6.99 6.10 -12.11
N ALA A 135 7.02 4.79 -12.42
CA ALA A 135 6.14 4.29 -13.45
C ALA A 135 4.67 4.52 -13.08
N THR A 136 4.36 4.49 -11.78
CA THR A 136 2.94 4.67 -11.41
C THR A 136 2.47 6.13 -11.59
N ALA A 137 3.39 7.08 -11.78
CA ALA A 137 3.08 8.51 -11.77
C ALA A 137 2.99 9.06 -13.20
N GLY A 138 3.10 8.20 -14.20
CA GLY A 138 3.11 8.63 -15.59
C GLY A 138 1.83 8.29 -16.33
N TRP A 139 1.57 9.05 -17.39
CA TRP A 139 0.48 8.73 -18.30
C TRP A 139 0.82 9.29 -19.66
N ASN A 140 0.67 8.45 -20.71
CA ASN A 140 0.92 8.92 -22.09
C ASN A 140 2.26 9.63 -22.20
N HIS A 141 3.30 8.99 -21.65
CA HIS A 141 4.68 9.43 -21.77
C HIS A 141 5.05 10.69 -20.96
N LYS A 142 4.22 11.17 -20.03
CA LYS A 142 4.60 12.29 -19.19
C LYS A 142 4.30 11.99 -17.72
N LEU A 143 5.07 12.62 -16.82
CA LEU A 143 4.77 12.53 -15.40
C LEU A 143 3.68 13.54 -15.00
N TYR A 144 2.70 13.05 -14.24
CA TYR A 144 1.62 13.90 -13.71
C TYR A 144 1.62 13.99 -12.19
N ALA A 145 2.63 13.44 -11.53
CA ALA A 145 2.73 13.47 -10.08
C ALA A 145 4.15 13.10 -9.71
N ALA A 146 4.54 13.43 -8.50
CA ALA A 146 5.88 13.12 -7.99
C ALA A 146 5.73 12.08 -6.88
N PRO A 147 6.29 10.88 -7.02
CA PRO A 147 6.07 9.84 -5.99
C PRO A 147 6.53 10.30 -4.61
N VAL A 148 5.74 10.00 -3.56
CA VAL A 148 6.20 10.32 -2.22
C VAL A 148 6.27 9.07 -1.34
N THR A 149 5.33 8.15 -1.52
CA THR A 149 5.42 6.88 -0.77
C THR A 149 5.12 5.72 -1.71
N THR A 150 5.73 4.58 -1.43
CA THR A 150 5.44 3.37 -2.21
C THR A 150 4.91 2.30 -1.25
N ASN A 151 4.60 1.12 -1.77
CA ASN A 151 4.06 0.06 -0.90
C ASN A 151 4.19 -1.29 -1.58
N THR A 152 4.43 -2.31 -0.78
CA THR A 152 4.53 -3.71 -1.24
C THR A 152 4.16 -4.56 -0.02
N GLN A 153 3.47 -5.67 -0.22
CA GLN A 153 3.05 -6.49 0.94
C GLN A 153 4.10 -7.56 1.24
N LEU A 154 4.34 -7.80 2.52
CA LEU A 154 5.24 -8.88 2.96
C LEU A 154 4.44 -9.90 3.74
N LEU A 155 5.07 -11.07 3.96
CA LEU A 155 4.54 -12.08 4.91
C LEU A 155 5.04 -11.73 6.31
N TRP A 156 4.13 -11.73 7.29
CA TRP A 156 4.42 -11.47 8.70
C TRP A 156 4.04 -12.75 9.42
N TYR A 157 4.88 -13.23 10.33
CA TYR A 157 4.54 -14.51 10.95
C TYR A 157 5.00 -14.56 12.39
N ARG A 158 4.45 -15.52 13.16
CA ARG A 158 4.89 -15.76 14.54
C ARG A 158 5.98 -16.82 14.58
N PRO A 159 7.25 -16.45 14.74
CA PRO A 159 8.32 -17.46 14.71
C PRO A 159 8.25 -18.42 15.90
N ASP A 160 7.56 -18.02 16.95
CA ASP A 160 7.41 -18.92 18.09
C ASP A 160 6.39 -20.03 17.83
N LEU A 161 5.52 -19.85 16.82
CA LEU A 161 4.54 -20.86 16.42
C LEU A 161 4.81 -21.50 15.05
N VAL A 162 5.49 -20.79 14.17
CA VAL A 162 5.75 -21.19 12.79
C VAL A 162 7.25 -21.33 12.67
N ASN A 163 7.70 -22.56 12.46
CA ASN A 163 9.13 -22.83 12.44
C ASN A 163 9.84 -22.09 11.33
N SER A 164 9.29 -22.14 10.12
CA SER A 164 9.89 -21.48 9.00
C SER A 164 8.77 -20.82 8.21
N PRO A 165 8.95 -19.59 7.74
CA PRO A 165 7.86 -18.91 7.04
C PRO A 165 7.55 -19.57 5.71
N PRO A 166 6.28 -19.86 5.44
CA PRO A 166 5.90 -20.47 4.16
C PRO A 166 6.38 -19.65 2.96
N THR A 167 6.95 -20.34 1.96
CA THR A 167 7.48 -19.68 0.80
C THR A 167 6.49 -19.60 -0.37
N ASP A 168 5.35 -20.29 -0.31
CA ASP A 168 4.40 -20.28 -1.42
C ASP A 168 3.01 -20.52 -0.85
N TRP A 169 1.98 -20.32 -1.66
CA TRP A 169 0.62 -20.33 -1.11
C TRP A 169 0.15 -21.74 -0.71
N ASN A 170 0.58 -22.78 -1.41
CA ASN A 170 0.25 -24.12 -0.94
C ASN A 170 0.83 -24.37 0.46
N ALA A 171 2.09 -23.92 0.69
CA ALA A 171 2.69 -24.00 2.03
C ALA A 171 1.96 -23.15 3.05
N MET A 172 1.44 -21.96 2.66
CA MET A 172 0.67 -21.17 3.61
C MET A 172 -0.56 -21.94 4.09
N ILE A 173 -1.27 -22.56 3.15
CA ILE A 173 -2.49 -23.30 3.51
C ILE A 173 -2.16 -24.48 4.42
N ALA A 174 -1.11 -25.22 4.07
CA ALA A 174 -0.70 -26.34 4.92
C ALA A 174 -0.35 -25.87 6.33
N GLU A 175 0.35 -24.74 6.44
CA GLU A 175 0.70 -24.25 7.75
C GLU A 175 -0.52 -23.84 8.57
N ALA A 176 -1.50 -23.18 7.93
CA ALA A 176 -2.66 -22.75 8.71
C ALA A 176 -3.43 -23.96 9.21
N ALA A 177 -3.44 -25.01 8.40
CA ALA A 177 -4.14 -26.24 8.80
C ALA A 177 -3.42 -26.90 9.99
N ARG A 178 -2.09 -26.99 9.91
CA ARG A 178 -1.29 -27.56 10.99
C ARG A 178 -1.49 -26.81 12.29
N LEU A 179 -1.44 -25.46 12.23
CA LEU A 179 -1.79 -24.63 13.37
C LEU A 179 -3.20 -24.93 13.91
N HIS A 180 -4.19 -25.05 13.01
CA HIS A 180 -5.56 -25.27 13.46
C HIS A 180 -5.65 -26.58 14.22
N ALA A 181 -4.97 -27.60 13.71
CA ALA A 181 -4.93 -28.89 14.38
C ALA A 181 -4.40 -28.76 15.80
N ALA A 182 -3.35 -27.95 16.01
CA ALA A 182 -2.71 -27.81 17.32
C ALA A 182 -3.43 -26.85 18.26
N GLY A 183 -4.64 -26.39 17.89
CA GLY A 183 -5.33 -25.41 18.70
C GLY A 183 -4.65 -24.06 18.78
N GLU A 184 -3.76 -23.75 17.80
CA GLU A 184 -3.02 -22.51 17.63
C GLU A 184 -3.77 -21.56 16.70
N PRO A 185 -3.51 -20.26 16.79
CA PRO A 185 -4.22 -19.31 15.90
C PRO A 185 -4.08 -19.73 14.45
N SER A 186 -5.21 -19.74 13.76
CA SER A 186 -5.25 -20.41 12.46
C SER A 186 -5.69 -19.53 11.30
N TRP A 187 -6.12 -18.29 11.55
CA TRP A 187 -6.49 -17.40 10.45
C TRP A 187 -5.24 -17.11 9.61
N ILE A 188 -5.40 -17.09 8.28
CA ILE A 188 -4.46 -16.38 7.40
C ILE A 188 -5.01 -14.96 7.25
N ALA A 189 -4.38 -13.99 7.89
CA ALA A 189 -4.91 -12.63 7.92
C ALA A 189 -4.40 -11.91 6.68
N VAL A 190 -5.26 -11.70 5.68
CA VAL A 190 -4.86 -10.99 4.46
C VAL A 190 -5.58 -9.67 4.43
N GLN A 191 -4.86 -8.60 4.05
CA GLN A 191 -5.59 -7.35 3.98
C GLN A 191 -6.53 -7.38 2.76
N ALA A 192 -7.81 -7.79 2.93
CA ALA A 192 -8.76 -7.98 1.82
C ALA A 192 -10.16 -8.42 2.22
N ASN A 193 -11.08 -7.46 2.26
CA ASN A 193 -12.49 -7.74 2.47
C ASN A 193 -13.22 -7.87 1.14
N GLN A 194 -13.93 -6.79 0.76
CA GLN A 194 -14.78 -6.78 -0.43
C GLN A 194 -14.42 -5.64 -1.39
N GLY A 195 -13.24 -5.04 -1.22
CA GLY A 195 -12.91 -3.80 -1.92
C GLY A 195 -11.53 -3.80 -2.53
N GLU A 196 -10.85 -2.66 -2.54
CA GLU A 196 -9.60 -2.56 -3.29
C GLU A 196 -8.57 -3.57 -2.80
N GLY A 197 -8.53 -3.85 -1.48
CA GLY A 197 -7.50 -4.77 -1.02
C GLY A 197 -7.70 -6.19 -1.59
N LEU A 198 -8.95 -6.58 -1.83
CA LEU A 198 -9.17 -7.88 -2.46
C LEU A 198 -8.71 -7.87 -3.92
N VAL A 199 -8.95 -6.75 -4.63
CA VAL A 199 -8.45 -6.61 -5.99
C VAL A 199 -6.94 -6.68 -5.99
N VAL A 200 -6.30 -6.05 -5.00
CA VAL A 200 -4.84 -6.09 -4.89
C VAL A 200 -4.34 -7.53 -4.72
N TRP A 201 -4.97 -8.28 -3.80
CA TRP A 201 -4.56 -9.66 -3.58
C TRP A 201 -4.72 -10.50 -4.85
N PHE A 202 -5.89 -10.39 -5.50
CA PHE A 202 -6.08 -11.08 -6.77
C PHE A 202 -5.04 -10.68 -7.80
N ASN A 203 -4.77 -9.37 -7.93
CA ASN A 203 -3.81 -8.91 -8.93
C ASN A 203 -2.44 -9.52 -8.69
N THR A 204 -2.02 -9.60 -7.44
CA THR A 204 -0.72 -10.17 -7.12
C THR A 204 -0.68 -11.66 -7.53
N LEU A 205 -1.72 -12.40 -7.14
CA LEU A 205 -1.77 -13.82 -7.52
C LEU A 205 -1.78 -13.99 -9.03
N LEU A 206 -2.59 -13.17 -9.72
CA LEU A 206 -2.72 -13.27 -11.16
C LEU A 206 -1.41 -12.96 -11.89
N VAL A 207 -0.77 -11.83 -11.56
CA VAL A 207 0.50 -11.47 -12.22
C VAL A 207 1.61 -12.44 -11.84
N SER A 208 1.61 -12.91 -10.58
CA SER A 208 2.57 -13.92 -10.13
C SER A 208 2.46 -15.21 -10.93
N ALA A 209 1.26 -15.52 -11.41
CA ALA A 209 0.99 -16.70 -12.23
C ALA A 209 1.20 -16.45 -13.73
N GLY A 210 1.53 -15.23 -14.13
CA GLY A 210 1.82 -14.88 -15.50
C GLY A 210 0.67 -14.27 -16.23
N GLY A 211 -0.41 -13.90 -15.52
CA GLY A 211 -1.57 -13.31 -16.15
C GLY A 211 -1.60 -11.77 -16.01
N SER A 212 -2.69 -11.18 -16.48
CA SER A 212 -2.87 -9.72 -16.30
C SER A 212 -4.33 -9.41 -16.58
N VAL A 213 -4.86 -8.41 -15.88
CA VAL A 213 -6.27 -8.07 -16.08
C VAL A 213 -6.51 -7.51 -17.48
N LEU A 214 -5.71 -6.53 -17.87
CA LEU A 214 -5.81 -5.87 -19.18
C LEU A 214 -4.52 -5.95 -19.97
N SER A 215 -4.67 -5.73 -21.29
CA SER A 215 -3.55 -5.59 -22.18
C SER A 215 -2.71 -4.36 -21.78
N GLU A 216 -1.50 -4.29 -22.35
CA GLU A 216 -0.57 -3.22 -21.99
C GLU A 216 -1.20 -1.84 -22.24
N ASP A 217 -1.84 -1.66 -23.39
CA ASP A 217 -2.47 -0.37 -23.69
C ASP A 217 -3.78 -0.14 -22.92
N GLY A 218 -4.25 -1.10 -22.12
CA GLY A 218 -5.46 -0.87 -21.36
C GLY A 218 -6.74 -1.02 -22.16
N ARG A 219 -6.66 -1.45 -23.42
CA ARG A 219 -7.86 -1.44 -24.24
C ARG A 219 -8.52 -2.81 -24.42
N HIS A 220 -7.87 -3.90 -23.99
CA HIS A 220 -8.48 -5.23 -24.05
C HIS A 220 -8.39 -5.95 -22.71
N VAL A 221 -9.40 -6.77 -22.43
CA VAL A 221 -9.40 -7.64 -21.25
C VAL A 221 -8.62 -8.91 -21.58
N THR A 222 -7.66 -9.27 -20.71
CA THR A 222 -6.74 -10.37 -20.96
C THR A 222 -6.78 -11.43 -19.83
N LEU A 223 -7.90 -11.55 -19.16
CA LEU A 223 -8.09 -12.57 -18.13
C LEU A 223 -8.25 -13.96 -18.74
N THR A 224 -8.87 -14.05 -19.94
CA THR A 224 -9.23 -15.37 -20.48
C THR A 224 -9.02 -15.43 -21.98
N ASP A 225 -8.28 -14.50 -22.55
CA ASP A 225 -8.23 -14.39 -24.00
C ASP A 225 -7.27 -15.37 -24.66
N THR A 226 -6.31 -15.93 -23.92
CA THR A 226 -5.46 -17.00 -24.43
C THR A 226 -5.46 -18.13 -23.41
N PRO A 227 -5.04 -19.34 -23.82
CA PRO A 227 -4.99 -20.42 -22.81
C PRO A 227 -4.03 -20.09 -21.65
N ALA A 228 -2.83 -19.56 -21.93
CA ALA A 228 -1.91 -19.19 -20.85
C ALA A 228 -2.54 -18.18 -19.88
N HIS A 229 -3.25 -17.19 -20.42
CA HIS A 229 -3.90 -16.18 -19.58
C HIS A 229 -5.04 -16.76 -18.77
N ARG A 230 -5.89 -17.58 -19.40
CA ARG A 230 -6.94 -18.23 -18.66
C ARG A 230 -6.36 -19.11 -17.56
N ALA A 231 -5.27 -19.85 -17.84
CA ALA A 231 -4.66 -20.72 -16.84
C ALA A 231 -4.17 -19.91 -15.65
N ALA A 232 -3.60 -18.73 -15.93
CA ALA A 232 -3.18 -17.86 -14.81
C ALA A 232 -4.35 -17.41 -13.97
N THR A 233 -5.45 -16.94 -14.61
CA THR A 233 -6.61 -16.50 -13.86
C THR A 233 -7.19 -17.62 -12.99
N VAL A 234 -7.29 -18.83 -13.57
CA VAL A 234 -7.83 -19.95 -12.82
C VAL A 234 -6.94 -20.32 -11.65
N SER A 235 -5.61 -20.32 -11.86
CA SER A 235 -4.66 -20.56 -10.75
C SER A 235 -4.87 -19.58 -9.61
N ALA A 236 -4.94 -18.29 -9.95
CA ALA A 236 -5.15 -17.27 -8.88
C ALA A 236 -6.45 -17.48 -8.12
N LEU A 237 -7.55 -17.71 -8.86
CA LEU A 237 -8.83 -17.95 -8.19
C LEU A 237 -8.80 -19.20 -7.31
N GLN A 238 -8.08 -20.26 -7.74
CA GLN A 238 -7.94 -21.47 -6.92
C GLN A 238 -7.27 -21.15 -5.59
N ILE A 239 -6.23 -20.30 -5.61
CA ILE A 239 -5.61 -19.91 -4.34
C ILE A 239 -6.57 -19.15 -3.43
N LEU A 240 -7.30 -18.17 -3.99
CA LEU A 240 -8.25 -17.43 -3.15
C LEU A 240 -9.26 -18.36 -2.50
N LYS A 241 -9.83 -19.26 -3.30
CA LYS A 241 -10.81 -20.21 -2.77
C LYS A 241 -10.21 -21.11 -1.69
N SER A 242 -8.99 -21.61 -1.92
CA SER A 242 -8.33 -22.52 -0.97
C SER A 242 -8.04 -21.83 0.35
N VAL A 243 -7.53 -20.59 0.29
CA VAL A 243 -7.27 -19.85 1.52
C VAL A 243 -8.58 -19.60 2.26
N ALA A 244 -9.64 -19.25 1.53
CA ALA A 244 -10.93 -18.93 2.16
C ALA A 244 -11.54 -20.12 2.88
N THR A 245 -11.19 -21.35 2.49
CA THR A 245 -11.84 -22.53 3.04
C THR A 245 -10.87 -23.46 3.78
N THR A 246 -9.78 -22.92 4.27
CA THR A 246 -8.84 -23.70 5.09
C THR A 246 -9.42 -23.87 6.50
N PRO A 247 -9.24 -25.04 7.14
CA PRO A 247 -9.81 -25.21 8.49
C PRO A 247 -9.30 -24.12 9.40
N GLY A 248 -10.19 -23.60 10.23
CA GLY A 248 -9.77 -22.52 11.10
C GLY A 248 -9.72 -21.17 10.43
N ALA A 249 -10.32 -21.04 9.24
CA ALA A 249 -10.38 -19.75 8.53
C ALA A 249 -11.18 -18.72 9.32
N ASP A 250 -10.84 -17.46 9.08
CA ASP A 250 -11.51 -16.33 9.69
C ASP A 250 -13.01 -16.32 9.35
N PRO A 251 -13.90 -16.32 10.34
CA PRO A 251 -15.36 -16.32 10.05
C PRO A 251 -15.88 -15.05 9.35
N SER A 252 -15.10 -13.97 9.31
CA SER A 252 -15.53 -12.70 8.74
C SER A 252 -15.41 -12.64 7.21
N ILE A 253 -14.98 -13.73 6.57
CA ILE A 253 -14.80 -13.75 5.10
C ILE A 253 -16.15 -13.55 4.40
N THR A 254 -17.18 -14.24 4.88
CA THR A 254 -18.52 -14.17 4.30
C THR A 254 -19.27 -12.91 4.73
N ARG A 255 -19.00 -12.43 5.94
CA ARG A 255 -19.56 -11.16 6.39
C ARG A 255 -18.92 -9.97 5.65
N THR A 256 -19.73 -8.93 5.46
CA THR A 256 -19.37 -7.73 4.69
C THR A 256 -18.77 -6.61 5.55
N GLU A 257 -18.38 -6.90 6.79
CA GLU A 257 -17.71 -5.93 7.65
C GLU A 257 -16.29 -5.65 7.14
N GLU A 258 -15.60 -4.73 7.81
CA GLU A 258 -14.23 -4.37 7.45
C GLU A 258 -13.30 -4.70 8.62
N GLY A 259 -12.91 -5.99 8.71
CA GLY A 259 -11.89 -6.42 9.63
C GLY A 259 -10.51 -5.84 9.29
N SER A 260 -9.56 -6.04 10.21
CA SER A 260 -8.20 -5.55 10.07
C SER A 260 -7.26 -6.73 10.26
N ALA A 261 -6.56 -7.10 9.17
CA ALA A 261 -5.52 -8.11 9.28
C ALA A 261 -4.49 -7.71 10.31
N ARG A 262 -4.13 -6.42 10.32
CA ARG A 262 -3.13 -5.93 11.27
C ARG A 262 -3.56 -6.23 12.70
N LEU A 263 -4.80 -5.88 13.02
CA LEU A 263 -5.26 -6.06 14.40
C LEU A 263 -5.51 -7.53 14.73
N ALA A 264 -5.98 -8.35 13.78
CA ALA A 264 -6.09 -9.80 13.99
C ALA A 264 -4.76 -10.39 14.43
N PHE A 265 -3.67 -10.01 13.76
CA PHE A 265 -2.37 -10.54 14.15
C PHE A 265 -1.94 -9.99 15.50
N GLU A 266 -2.14 -8.69 15.71
CA GLU A 266 -1.70 -8.08 16.97
C GLU A 266 -2.44 -8.68 18.16
N GLN A 267 -3.69 -9.08 17.95
CA GLN A 267 -4.54 -9.69 18.99
C GLN A 267 -4.34 -11.19 19.13
N GLY A 268 -3.45 -11.79 18.34
CA GLY A 268 -3.12 -13.20 18.43
C GLY A 268 -4.11 -14.13 17.79
N LYS A 269 -4.98 -13.62 16.92
CA LYS A 269 -5.93 -14.47 16.22
C LYS A 269 -5.36 -15.06 14.93
N ALA A 270 -4.23 -14.55 14.45
CA ALA A 270 -3.58 -15.13 13.26
C ALA A 270 -2.09 -15.22 13.55
N ALA A 271 -1.46 -16.28 13.06
CA ALA A 271 -0.03 -16.42 13.16
C ALA A 271 0.65 -16.21 11.80
N LEU A 272 -0.14 -15.93 10.77
CA LEU A 272 0.33 -15.65 9.41
C LEU A 272 -0.49 -14.46 8.90
N GLU A 273 0.19 -13.43 8.41
CA GLU A 273 -0.47 -12.23 7.94
C GLU A 273 0.24 -11.79 6.66
N VAL A 274 -0.48 -11.34 5.64
CA VAL A 274 0.20 -10.65 4.53
C VAL A 274 -0.34 -9.22 4.52
N ASN A 275 0.57 -8.27 4.58
CA ASN A 275 0.15 -6.89 4.74
C ASN A 275 1.27 -5.95 4.37
N TRP A 276 0.91 -4.67 4.24
CA TRP A 276 1.89 -3.60 3.96
C TRP A 276 2.82 -3.39 5.16
N PRO A 277 3.97 -2.78 4.97
CA PRO A 277 5.00 -2.78 6.02
C PRO A 277 4.69 -1.87 7.20
N PHE A 278 3.60 -1.07 7.15
CA PHE A 278 3.23 -0.22 8.31
C PHE A 278 2.92 -1.07 9.53
N VAL A 279 2.69 -2.37 9.34
CA VAL A 279 2.43 -3.23 10.50
C VAL A 279 3.67 -3.35 11.37
N PHE A 280 4.87 -3.13 10.83
CA PHE A 280 6.07 -3.20 11.67
C PHE A 280 6.02 -2.10 12.72
N ALA A 281 5.82 -0.84 12.28
CA ALA A 281 5.80 0.25 13.26
C ALA A 281 4.61 0.10 14.18
N SER A 282 3.51 -0.47 13.67
CA SER A 282 2.36 -0.60 14.55
C SER A 282 2.66 -1.61 15.66
N MET A 283 3.30 -2.73 15.29
CA MET A 283 3.56 -3.79 16.27
C MET A 283 4.42 -3.25 17.42
N LEU A 284 5.54 -2.59 17.10
CA LEU A 284 6.38 -2.07 18.18
C LEU A 284 5.60 -1.04 19.02
N GLU A 285 4.87 -0.13 18.37
CA GLU A 285 4.24 0.95 19.11
C GLU A 285 3.16 0.39 20.00
N ASN A 286 2.27 -0.42 19.41
CA ASN A 286 1.19 -0.96 20.20
C ASN A 286 1.70 -1.93 21.25
N ALA A 287 2.85 -2.61 21.00
CA ALA A 287 3.35 -3.50 22.04
C ALA A 287 3.81 -2.69 23.24
N VAL A 288 4.44 -1.54 22.96
CA VAL A 288 4.96 -0.71 24.05
C VAL A 288 3.77 -0.10 24.80
N LYS A 289 2.63 0.11 24.12
CA LYS A 289 1.45 0.62 24.81
C LYS A 289 0.72 -0.46 25.59
N GLY A 290 1.07 -1.73 25.42
CA GLY A 290 0.40 -2.81 26.12
C GLY A 290 -0.73 -3.46 25.36
N GLY A 291 -0.88 -3.14 24.07
CA GLY A 291 -1.90 -3.74 23.23
C GLY A 291 -1.57 -5.03 22.52
N VAL A 292 -0.42 -5.67 22.75
CA VAL A 292 -0.07 -6.91 22.07
C VAL A 292 0.19 -7.98 23.12
N PRO A 293 -0.78 -8.90 23.33
CA PRO A 293 -0.67 -9.86 24.46
C PRO A 293 0.60 -10.68 24.48
N PHE A 294 1.05 -11.18 23.33
CA PHE A 294 2.24 -12.03 23.29
C PHE A 294 3.54 -11.25 23.20
N LEU A 295 3.50 -9.91 23.28
CA LEU A 295 4.69 -9.08 23.17
C LEU A 295 4.57 -7.93 24.18
N PRO A 296 4.78 -8.24 25.47
CA PRO A 296 4.52 -7.21 26.53
C PRO A 296 5.69 -6.26 26.72
N LEU A 297 5.99 -5.45 25.70
CA LEU A 297 7.05 -4.44 25.79
C LEU A 297 6.72 -3.37 26.81
N ASN A 298 5.43 -3.22 27.13
CA ASN A 298 5.00 -2.28 28.17
C ASN A 298 5.51 -2.67 29.55
N ARG A 299 5.95 -3.92 29.72
CA ARG A 299 6.55 -4.37 30.97
C ARG A 299 8.06 -4.29 30.99
N ILE A 300 8.69 -3.69 30.00
CA ILE A 300 10.14 -3.53 30.02
C ILE A 300 10.43 -2.11 30.55
N PRO A 301 11.05 -1.98 31.72
CA PRO A 301 11.25 -0.63 32.31
C PRO A 301 12.01 0.32 31.41
N GLN A 302 13.01 -0.19 30.68
CA GLN A 302 13.83 0.65 29.81
C GLN A 302 13.02 1.28 28.68
N LEU A 303 11.82 0.77 28.39
CA LEU A 303 10.99 1.36 27.34
C LEU A 303 9.93 2.32 27.88
N ALA A 304 9.85 2.54 29.20
CA ALA A 304 8.86 3.48 29.70
C ALA A 304 9.19 4.90 29.23
N GLY A 305 8.15 5.61 28.80
CA GLY A 305 8.35 6.95 28.25
C GLY A 305 8.84 6.98 26.81
N SER A 306 8.99 5.82 26.15
CA SER A 306 9.37 5.82 24.74
C SER A 306 8.19 6.13 23.84
N ILE A 307 6.98 6.17 24.37
CA ILE A 307 5.83 6.77 23.67
C ILE A 307 5.91 8.28 23.95
N ASN A 308 5.95 9.12 22.90
CA ASN A 308 6.07 10.55 23.16
C ASN A 308 4.73 11.20 23.51
N ASP A 309 4.72 12.54 23.64
CA ASP A 309 3.54 13.24 24.14
C ASP A 309 2.39 13.30 23.12
N ILE A 310 2.60 12.89 21.87
CA ILE A 310 1.47 12.79 20.94
C ILE A 310 1.19 11.34 20.57
N GLY A 311 1.69 10.39 21.36
CA GLY A 311 1.25 9.02 21.19
C GLY A 311 2.09 8.17 20.25
N THR A 312 3.24 8.66 19.81
CA THR A 312 4.04 7.92 18.81
C THR A 312 5.26 7.29 19.46
N PHE A 313 5.52 6.02 19.14
CA PHE A 313 6.76 5.41 19.58
C PHE A 313 7.98 6.13 18.99
N THR A 314 8.83 6.68 19.85
CA THR A 314 9.96 7.52 19.43
C THR A 314 11.19 7.08 20.22
N PRO A 315 11.69 5.88 19.95
CA PRO A 315 12.76 5.32 20.77
C PRO A 315 14.11 5.98 20.51
N SER A 316 14.93 6.00 21.57
CA SER A 316 16.36 6.17 21.39
C SER A 316 16.92 4.97 20.61
N ASP A 317 18.18 5.07 20.17
CA ASP A 317 18.76 3.92 19.47
C ASP A 317 18.79 2.68 20.37
N GLU A 318 19.14 2.85 21.65
CA GLU A 318 19.18 1.70 22.54
C GLU A 318 17.78 1.14 22.79
N GLN A 319 16.80 2.03 22.93
CA GLN A 319 15.42 1.57 23.10
C GLN A 319 14.94 0.81 21.85
N PHE A 320 15.26 1.33 20.65
CA PHE A 320 14.87 0.58 19.44
C PHE A 320 15.50 -0.81 19.47
N ARG A 321 16.78 -0.89 19.79
CA ARG A 321 17.42 -2.19 19.81
C ARG A 321 16.73 -3.13 20.79
N ILE A 322 16.36 -2.63 21.98
CA ILE A 322 15.71 -3.49 22.96
C ILE A 322 14.35 -3.98 22.44
N ALA A 323 13.54 -3.06 21.89
CA ALA A 323 12.21 -3.41 21.41
C ALA A 323 12.30 -4.36 20.21
N TYR A 324 13.18 -4.06 19.27
CA TYR A 324 13.30 -4.91 18.07
C TYR A 324 13.79 -6.31 18.46
N ASP A 325 14.84 -6.37 19.28
CA ASP A 325 15.31 -7.69 19.71
C ASP A 325 14.23 -8.50 20.42
N ALA A 326 13.49 -7.88 21.35
CA ALA A 326 12.36 -8.59 21.95
C ALA A 326 11.34 -9.05 20.90
N SER A 327 11.08 -8.20 19.88
CA SER A 327 10.00 -8.51 18.98
C SER A 327 10.37 -9.68 18.09
N GLN A 328 11.68 -9.89 17.84
CA GLN A 328 12.07 -10.94 16.90
C GLN A 328 11.71 -12.33 17.39
N GLN A 329 11.45 -12.48 18.69
CA GLN A 329 11.01 -13.76 19.25
C GLN A 329 9.59 -14.14 18.82
N VAL A 330 8.73 -13.16 18.54
CA VAL A 330 7.32 -13.39 18.28
C VAL A 330 6.85 -12.78 16.97
N PHE A 331 7.71 -12.12 16.23
CA PHE A 331 7.30 -11.37 15.04
C PHE A 331 8.43 -11.42 14.02
N GLY A 332 8.17 -11.94 12.84
CA GLY A 332 9.19 -11.98 11.81
C GLY A 332 8.53 -11.58 10.51
N PHE A 333 9.37 -11.27 9.52
CA PHE A 333 8.88 -10.93 8.20
C PHE A 333 9.61 -11.74 7.15
N ALA A 334 9.01 -11.82 5.97
CA ALA A 334 9.53 -12.69 4.91
C ALA A 334 8.95 -12.20 3.60
N PRO A 335 9.49 -12.64 2.48
CA PRO A 335 8.89 -12.26 1.19
C PRO A 335 7.44 -12.70 1.09
N TYR A 336 6.70 -11.96 0.27
CA TYR A 336 5.33 -12.38 -0.05
C TYR A 336 5.35 -13.81 -0.60
N PRO A 337 4.41 -14.68 -0.23
CA PRO A 337 4.45 -16.07 -0.76
C PRO A 337 4.28 -16.13 -2.28
N ALA A 338 5.07 -17.00 -2.94
CA ALA A 338 4.97 -17.24 -4.37
C ALA A 338 3.74 -18.05 -4.71
N VAL A 339 3.32 -17.94 -5.97
CA VAL A 339 2.32 -18.84 -6.54
C VAL A 339 3.00 -20.08 -7.11
N ALA A 340 4.02 -19.86 -7.97
CA ALA A 340 4.80 -20.99 -8.51
C ALA A 340 6.00 -21.25 -7.60
N PRO A 341 6.10 -22.43 -6.94
CA PRO A 341 7.26 -22.72 -6.06
C PRO A 341 8.58 -22.59 -6.80
N GLY A 342 9.57 -21.93 -6.17
CA GLY A 342 10.91 -21.89 -6.75
C GLY A 342 11.35 -20.55 -7.27
N GLN A 343 10.44 -19.58 -7.37
CA GLN A 343 10.87 -18.23 -7.75
C GLN A 343 9.95 -17.23 -7.03
N PRO A 344 10.37 -16.00 -6.92
CA PRO A 344 9.59 -15.05 -6.10
C PRO A 344 8.25 -14.68 -6.75
N ALA A 345 7.37 -14.15 -5.88
CA ALA A 345 6.12 -13.55 -6.30
C ALA A 345 6.39 -12.25 -7.07
N LYS A 346 5.41 -11.80 -7.84
CA LYS A 346 5.41 -10.45 -8.45
C LYS A 346 4.33 -9.70 -7.66
N VAL A 347 4.72 -8.77 -6.80
CA VAL A 347 3.83 -8.25 -5.75
C VAL A 347 3.28 -6.89 -6.18
N THR A 348 1.96 -6.69 -6.03
CA THR A 348 1.33 -5.46 -6.55
C THR A 348 1.85 -4.23 -5.80
N ILE A 349 2.26 -3.22 -6.54
CA ILE A 349 2.77 -2.01 -5.91
C ILE A 349 1.64 -1.07 -5.50
N GLY A 350 1.85 -0.39 -4.38
CA GLY A 350 0.91 0.58 -3.81
C GLY A 350 1.62 1.90 -3.65
N GLY A 351 0.97 2.82 -2.97
CA GLY A 351 1.65 4.06 -2.57
C GLY A 351 0.83 5.31 -2.84
N LEU A 352 1.55 6.46 -2.76
CA LEU A 352 0.97 7.79 -2.91
C LEU A 352 1.92 8.63 -3.76
N ASN A 353 1.32 9.35 -4.73
CA ASN A 353 2.04 10.28 -5.64
C ASN A 353 1.45 11.67 -5.39
N LEU A 354 2.31 12.67 -5.34
CA LEU A 354 1.88 14.05 -5.08
C LEU A 354 1.57 14.73 -6.41
N ALA A 355 0.34 15.22 -6.57
CA ALA A 355 -0.11 15.89 -7.77
C ALA A 355 -0.59 17.31 -7.43
N VAL A 356 -0.38 18.24 -8.35
CA VAL A 356 -0.89 19.60 -8.22
C VAL A 356 -2.22 19.66 -8.95
N ALA A 357 -3.29 20.06 -8.22
CA ALA A 357 -4.62 20.10 -8.83
C ALA A 357 -4.72 21.24 -9.83
N LYS A 358 -5.49 21.05 -10.89
CA LYS A 358 -5.68 22.12 -11.89
C LYS A 358 -6.42 23.33 -11.33
N THR A 359 -7.10 23.16 -10.20
CA THR A 359 -7.79 24.26 -9.49
C THR A 359 -6.86 25.24 -8.80
N THR A 360 -5.57 24.91 -8.58
CA THR A 360 -4.74 25.78 -7.73
C THR A 360 -4.65 27.19 -8.32
N ARG A 361 -4.66 28.18 -7.45
CA ARG A 361 -4.35 29.55 -7.86
C ARG A 361 -2.86 29.83 -7.82
N HIS A 362 -2.03 28.87 -7.25
CA HIS A 362 -0.60 29.13 -6.96
C HIS A 362 0.27 27.93 -7.40
N ARG A 363 0.35 27.73 -8.72
CA ARG A 363 1.13 26.60 -9.28
C ARG A 363 2.56 26.60 -8.76
N ALA A 364 3.21 27.78 -8.78
CA ALA A 364 4.61 27.83 -8.37
C ALA A 364 4.79 27.33 -6.95
N GLU A 365 3.97 27.86 -6.01
CA GLU A 365 4.12 27.42 -4.63
C GLU A 365 3.68 25.97 -4.46
N ALA A 366 2.65 25.55 -5.17
CA ALA A 366 2.21 24.15 -5.02
C ALA A 366 3.31 23.15 -5.46
N PHE A 367 4.00 23.43 -6.57
CA PHE A 367 5.11 22.53 -6.98
C PHE A 367 6.31 22.67 -6.04
N GLU A 368 6.59 23.89 -5.54
CA GLU A 368 7.63 24.03 -4.51
C GLU A 368 7.31 23.22 -3.27
N ALA A 369 6.03 23.24 -2.84
CA ALA A 369 5.66 22.44 -1.69
C ALA A 369 5.87 20.95 -1.96
N VAL A 370 5.49 20.48 -3.15
CA VAL A 370 5.69 19.07 -3.52
C VAL A 370 7.17 18.68 -3.33
N ARG A 371 8.09 19.53 -3.82
CA ARG A 371 9.51 19.18 -3.68
C ARG A 371 9.92 19.08 -2.22
N CYS A 372 9.41 19.99 -1.36
CA CYS A 372 9.78 19.95 0.05
C CYS A 372 9.23 18.71 0.75
N LEU A 373 7.97 18.37 0.46
CA LEU A 373 7.30 17.26 1.14
C LEU A 373 8.01 15.93 0.91
N ARG A 374 8.70 15.81 -0.23
CA ARG A 374 9.38 14.57 -0.57
C ARG A 374 10.90 14.67 -0.46
N ASP A 375 11.42 15.63 0.34
CA ASP A 375 12.87 15.75 0.47
C ASP A 375 13.44 14.64 1.37
N GLN A 376 14.77 14.54 1.39
CA GLN A 376 15.41 13.38 2.04
C GLN A 376 14.99 13.23 3.51
N HIS A 377 15.04 14.34 4.28
CA HIS A 377 14.63 14.27 5.68
C HIS A 377 13.18 13.77 5.86
N ASN A 378 12.25 14.29 5.07
CA ASN A 378 10.86 13.89 5.21
C ASN A 378 10.61 12.49 4.69
N GLN A 379 11.48 11.98 3.79
CA GLN A 379 11.37 10.60 3.34
C GLN A 379 11.77 9.65 4.43
N ARG A 380 12.81 10.03 5.17
CA ARG A 380 13.24 9.20 6.31
C ARG A 380 12.10 9.18 7.34
N TYR A 381 11.50 10.33 7.61
CA TYR A 381 10.42 10.40 8.59
C TYR A 381 9.20 9.60 8.14
N VAL A 382 8.80 9.72 6.86
CA VAL A 382 7.58 9.04 6.46
C VAL A 382 7.71 7.54 6.63
N SER A 383 8.94 6.99 6.46
CA SER A 383 9.12 5.55 6.65
C SER A 383 9.27 5.16 8.10
N LEU A 384 10.15 5.86 8.82
CA LEU A 384 10.49 5.42 10.19
C LEU A 384 9.43 5.82 11.22
N GLU A 385 8.76 6.96 11.05
CA GLU A 385 7.65 7.32 11.92
C GLU A 385 6.30 6.98 11.33
N GLY A 386 6.14 7.15 10.02
CA GLY A 386 4.85 6.94 9.42
C GLY A 386 4.58 5.54 8.95
N GLY A 387 5.59 4.68 8.89
CA GLY A 387 5.39 3.32 8.40
C GLY A 387 5.20 3.16 6.89
N LEU A 388 5.40 4.22 6.09
CA LEU A 388 5.12 4.15 4.64
C LEU A 388 6.46 4.07 3.93
N PRO A 389 6.71 3.06 3.09
CA PRO A 389 8.02 2.96 2.43
C PRO A 389 8.35 4.23 1.65
N ALA A 390 9.58 4.70 1.81
CA ALA A 390 10.04 5.86 1.05
C ALA A 390 10.26 5.49 -0.44
N VAL A 391 10.26 6.51 -1.32
CA VAL A 391 10.55 6.26 -2.74
C VAL A 391 12.00 6.59 -3.11
N ARG A 392 12.75 7.24 -2.22
CA ARG A 392 14.10 7.67 -2.56
C ARG A 392 15.03 6.48 -2.48
N ALA A 393 15.71 6.20 -3.59
CA ALA A 393 16.57 5.01 -3.70
C ALA A 393 17.70 5.07 -2.67
N SER A 394 18.21 6.28 -2.38
CA SER A 394 19.36 6.41 -1.48
C SER A 394 19.08 5.78 -0.12
N LEU A 395 17.86 5.94 0.39
CA LEU A 395 17.58 5.46 1.73
C LEU A 395 17.77 3.96 1.83
N TYR A 396 17.44 3.22 0.74
CA TYR A 396 17.58 1.77 0.81
C TYR A 396 19.04 1.32 0.78
N SER A 397 19.95 2.23 0.44
CA SER A 397 21.40 2.03 0.50
C SER A 397 22.05 2.76 1.68
N ASP A 398 21.29 3.20 2.67
CA ASP A 398 21.84 4.03 3.76
C ASP A 398 21.83 3.19 5.04
N PRO A 399 23.01 2.83 5.60
CA PRO A 399 23.02 1.96 6.80
C PRO A 399 22.27 2.54 7.98
N GLN A 400 22.17 3.87 8.11
CA GLN A 400 21.43 4.40 9.27
C GLN A 400 19.92 4.18 9.11
N PHE A 401 19.40 4.27 7.88
CA PHE A 401 18.01 3.90 7.59
C PHE A 401 17.79 2.41 7.74
N GLN A 402 18.73 1.63 7.22
CA GLN A 402 18.57 0.18 7.22
C GLN A 402 18.51 -0.34 8.66
N ALA A 403 19.23 0.31 9.57
CA ALA A 403 19.22 -0.13 10.96
C ALA A 403 17.86 0.07 11.65
N LYS A 404 17.04 1.02 11.17
CA LYS A 404 15.71 1.25 11.76
C LYS A 404 14.59 0.72 10.89
N TYR A 405 14.91 0.19 9.71
CA TYR A 405 13.90 -0.30 8.79
C TYR A 405 14.35 -1.66 8.31
N PRO A 406 14.23 -2.69 9.16
CA PRO A 406 14.95 -3.94 8.89
C PRO A 406 14.44 -4.69 7.68
N MET A 407 13.26 -4.34 7.18
CA MET A 407 12.70 -5.04 5.99
C MET A 407 13.12 -4.32 4.71
N HIS A 408 14.11 -3.43 4.78
CA HIS A 408 14.48 -2.63 3.61
C HIS A 408 14.83 -3.50 2.39
N ALA A 409 15.53 -4.62 2.59
CA ALA A 409 16.05 -5.29 1.39
C ALA A 409 14.93 -6.03 0.66
N ILE A 410 14.01 -6.65 1.42
CA ILE A 410 12.90 -7.33 0.78
C ILE A 410 12.01 -6.31 0.12
N ILE A 411 11.79 -5.17 0.77
CA ILE A 411 10.95 -4.16 0.14
C ILE A 411 11.59 -3.70 -1.18
N ARG A 412 12.90 -3.42 -1.17
CA ARG A 412 13.49 -2.93 -2.44
C ARG A 412 13.44 -4.01 -3.50
N GLN A 413 13.66 -5.27 -3.12
CA GLN A 413 13.58 -6.36 -4.07
C GLN A 413 12.18 -6.42 -4.71
N GLN A 414 11.15 -6.37 -3.87
CA GLN A 414 9.78 -6.50 -4.39
C GLN A 414 9.34 -5.28 -5.19
N LEU A 415 9.93 -4.10 -4.92
CA LEU A 415 9.65 -2.91 -5.74
C LEU A 415 10.36 -2.94 -7.07
N THR A 416 11.40 -3.77 -7.21
CA THR A 416 12.14 -3.85 -8.45
C THR A 416 11.44 -4.71 -9.50
N ASP A 417 10.76 -5.77 -9.09
CA ASP A 417 10.03 -6.55 -10.09
C ASP A 417 8.55 -6.60 -9.73
N ALA A 418 7.93 -5.42 -9.54
CA ALA A 418 6.58 -5.39 -9.00
C ALA A 418 5.52 -5.75 -10.03
N ALA A 419 4.42 -6.37 -9.55
CA ALA A 419 3.18 -6.33 -10.31
C ALA A 419 2.57 -4.94 -10.23
N VAL A 420 1.82 -4.59 -11.27
CA VAL A 420 1.09 -3.35 -11.32
C VAL A 420 -0.39 -3.64 -11.60
N ARG A 421 -1.27 -2.90 -10.95
CA ARG A 421 -2.68 -2.92 -11.33
C ARG A 421 -2.83 -2.21 -12.67
N PRO A 422 -3.86 -2.53 -13.45
CA PRO A 422 -4.00 -1.92 -14.78
C PRO A 422 -4.07 -0.39 -14.66
N ALA A 423 -3.34 0.31 -15.51
CA ALA A 423 -3.39 1.77 -15.57
C ALA A 423 -4.44 2.15 -16.60
N THR A 424 -5.58 2.67 -16.15
CA THR A 424 -6.65 3.00 -17.07
C THR A 424 -7.52 4.09 -16.46
N PRO A 425 -8.07 5.00 -17.28
CA PRO A 425 -8.93 6.04 -16.73
C PRO A 425 -10.21 5.49 -16.13
N VAL A 426 -10.61 4.23 -16.44
CA VAL A 426 -11.82 3.67 -15.86
C VAL A 426 -11.48 2.70 -14.75
N TYR A 427 -10.33 2.91 -14.10
CA TYR A 427 -9.93 2.01 -13.01
C TYR A 427 -11.01 1.90 -11.91
N GLN A 428 -11.63 3.03 -11.52
CA GLN A 428 -12.60 2.97 -10.42
C GLN A 428 -13.73 2.00 -10.71
N ALA A 429 -14.28 2.08 -11.93
CA ALA A 429 -15.35 1.17 -12.34
C ALA A 429 -14.84 -0.26 -12.48
N LEU A 430 -13.64 -0.42 -13.01
CA LEU A 430 -13.07 -1.78 -13.17
C LEU A 430 -12.91 -2.45 -11.79
N SER A 431 -12.34 -1.74 -10.82
CA SER A 431 -12.11 -2.30 -9.51
C SER A 431 -13.41 -2.66 -8.81
N ILE A 432 -14.41 -1.77 -8.88
CA ILE A 432 -15.69 -2.13 -8.29
C ILE A 432 -16.24 -3.40 -8.93
N ARG A 433 -16.17 -3.51 -10.26
CA ARG A 433 -16.73 -4.71 -10.91
C ARG A 433 -15.99 -5.98 -10.52
N LEU A 434 -14.65 -5.92 -10.55
CA LEU A 434 -13.84 -7.10 -10.15
C LEU A 434 -14.10 -7.50 -8.70
N ALA A 435 -14.10 -6.52 -7.78
CA ALA A 435 -14.30 -6.83 -6.37
C ALA A 435 -15.66 -7.51 -6.17
N ALA A 436 -16.69 -7.05 -6.89
CA ALA A 436 -18.02 -7.63 -6.72
C ALA A 436 -18.06 -9.08 -7.19
N VAL A 437 -17.33 -9.42 -8.25
CA VAL A 437 -17.26 -10.83 -8.67
C VAL A 437 -16.47 -11.66 -7.67
N LEU A 438 -15.33 -11.15 -7.18
CA LEU A 438 -14.46 -11.94 -6.32
C LEU A 438 -15.08 -12.20 -4.96
N SER A 439 -15.83 -11.24 -4.43
CA SER A 439 -16.42 -11.28 -3.08
C SER A 439 -17.81 -11.93 -3.12
N PRO A 440 -18.12 -12.92 -2.26
CA PRO A 440 -17.27 -13.45 -1.19
C PRO A 440 -16.34 -14.50 -1.75
N ILE A 441 -15.12 -14.61 -1.20
CA ILE A 441 -14.18 -15.51 -1.85
C ILE A 441 -14.53 -16.96 -1.58
N THR A 442 -15.32 -17.24 -0.54
CA THR A 442 -15.81 -18.60 -0.36
C THR A 442 -16.67 -19.11 -1.50
N GLU A 443 -17.25 -18.23 -2.30
CA GLU A 443 -18.13 -18.63 -3.40
C GLU A 443 -17.41 -18.71 -4.76
N ILE A 444 -16.10 -18.49 -4.79
CA ILE A 444 -15.39 -18.60 -6.06
C ILE A 444 -15.46 -20.02 -6.60
N ASP A 445 -15.78 -20.13 -7.88
CA ASP A 445 -15.66 -21.38 -8.61
C ASP A 445 -14.70 -21.10 -9.77
N PRO A 446 -13.42 -21.51 -9.68
CA PRO A 446 -12.41 -20.92 -10.58
C PRO A 446 -12.83 -20.83 -12.06
N GLU A 447 -13.38 -21.86 -12.69
CA GLU A 447 -13.65 -21.74 -14.14
C GLU A 447 -14.78 -20.74 -14.43
N SER A 448 -15.91 -20.88 -13.75
CA SER A 448 -17.01 -19.98 -14.08
C SER A 448 -16.74 -18.55 -13.57
N THR A 449 -16.08 -18.44 -12.42
CA THR A 449 -15.69 -17.12 -11.92
C THR A 449 -14.73 -16.44 -12.88
N ALA A 450 -13.84 -17.21 -13.53
CA ALA A 450 -12.92 -16.59 -14.49
C ALA A 450 -13.71 -15.97 -15.63
N ASP A 451 -14.75 -16.67 -16.10
CA ASP A 451 -15.49 -16.06 -17.21
C ASP A 451 -16.31 -14.85 -16.76
N GLU A 452 -16.90 -14.94 -15.56
CA GLU A 452 -17.64 -13.78 -15.03
C GLU A 452 -16.75 -12.56 -14.81
N LEU A 453 -15.52 -12.79 -14.29
CA LEU A 453 -14.57 -11.69 -14.13
C LEU A 453 -14.27 -11.04 -15.45
N ALA A 454 -14.02 -11.86 -16.48
CA ALA A 454 -13.68 -11.29 -17.78
C ALA A 454 -14.86 -10.48 -18.34
N ALA A 455 -16.09 -11.01 -18.20
CA ALA A 455 -17.27 -10.28 -18.70
C ALA A 455 -17.50 -8.96 -17.96
N GLN A 456 -17.34 -8.97 -16.64
CA GLN A 456 -17.48 -7.73 -15.86
C GLN A 456 -16.37 -6.73 -16.17
N ALA A 457 -15.12 -7.21 -16.38
CA ALA A 457 -14.04 -6.29 -16.74
C ALA A 457 -14.33 -5.64 -18.07
N GLN A 458 -14.88 -6.41 -19.01
CA GLN A 458 -15.19 -5.89 -20.32
C GLN A 458 -16.24 -4.78 -20.24
N LYS A 459 -17.24 -4.95 -19.36
CA LYS A 459 -18.23 -3.91 -19.19
C LYS A 459 -17.56 -2.62 -18.70
N ALA A 460 -16.61 -2.71 -17.76
CA ALA A 460 -15.92 -1.50 -17.30
C ALA A 460 -15.16 -0.81 -18.45
N ILE A 461 -14.39 -1.60 -19.21
CA ILE A 461 -13.63 -1.09 -20.34
C ILE A 461 -14.53 -0.48 -21.40
N ASP A 462 -15.72 -1.05 -21.61
CA ASP A 462 -16.66 -0.59 -22.62
C ASP A 462 -17.22 0.79 -22.31
N GLY A 463 -17.32 1.16 -21.03
CA GLY A 463 -17.71 2.51 -20.64
C GLY A 463 -16.65 3.59 -20.88
N MET A 464 -15.87 3.46 -21.96
CA MET A 464 -14.85 4.45 -22.34
C MET A 464 -15.12 4.98 -23.75
#